data_6XXB
#
_entry.id   6XXB
#
_entity_poly.entity_id   1
_entity_poly.type   'polyribonucleotide'
_entity_poly.pdbx_seq_one_letter_code
;GGAAAUUAUAUUAAUUUCC
;
_entity_poly.pdbx_strand_id   A
#
loop_
_chem_comp.id
_chem_comp.type
_chem_comp.name
_chem_comp.formula
A RNA linking ADENOSINE-5'-MONOPHOSPHATE 'C10 H14 N5 O7 P'
C RNA linking CYTIDINE-5'-MONOPHOSPHATE 'C9 H14 N3 O8 P'
G RNA linking GUANOSINE-5'-MONOPHOSPHATE 'C10 H14 N5 O8 P'
U RNA linking URIDINE-5'-MONOPHOSPHATE 'C9 H13 N2 O9 P'
#